data_3RUI
#
_entry.id   3RUI
#
_cell.length_a   71.326
_cell.length_b   71.326
_cell.length_c   220.916
_cell.angle_alpha   90.00
_cell.angle_beta   90.00
_cell.angle_gamma   90.00
#
_symmetry.space_group_name_H-M   'P 43 21 2'
#
loop_
_entity.id
_entity.type
_entity.pdbx_description
1 polymer 'Ubiquitin-like modifier-activating enzyme ATG7'
2 polymer 'Autophagy-related protein 8'
3 non-polymer 'ZINC ION'
4 water water
#
loop_
_entity_poly.entity_id
_entity_poly.type
_entity_poly.pdbx_seq_one_letter_code
_entity_poly.pdbx_strand_id
1 'polypeptide(L)'
;GSDPLKIADQSVDLNLKL(MSE)KWRILPDLNLDIIKNTKVLLLGAGTLGCYVSRALIAWGVRKITFVDNGTVSYSNPVR
QALYNFEDCGKPKAELAAASLKRIFPL(MSE)DATGVKLSIP(MSE)IGHKLVNEEAQHKDFDRLRALIKEHDIIFLLVD
SRESRWLPSLLSNIENKTVINAALGFDSYLV(MSE)RHGNRDEQSSKQLGCYFCHDVVAPTDSLTDRTLDQ(MSE)STVT
RPGVA(MSE)(MSE)ASSLAVEL(MSE)TSLLQTKYSGSETTVLGDIPHQIRGFLHNFSILKLETPAYEHCPACSPKVIE
AFTDLGWEFVKKALEHPLYLEEISGLSVIKQEVERLGNDVFEWEDDESDEIA
;
A
2 'polypeptide(L)'
;GSMKSTFKSEYPFEKRKAESERIADRFKNRIPVICEKAEKSDIPEIDKRKYLVPADLTVGQFVYVIRKRIMLPPEKAIFI
FVNDTLPPTAALMSAIYQEHKDKDGFLYVTYSGENTFG
;
B
#
loop_
_chem_comp.id
_chem_comp.type
_chem_comp.name
_chem_comp.formula
ZN non-polymer 'ZINC ION' 'Zn 2'
#
# COMPACT_ATOMS: atom_id res chain seq x y z
N ASP A 3 -33.74 -28.06 -6.96
CA ASP A 3 -34.04 -27.13 -5.87
C ASP A 3 -33.40 -25.76 -6.11
N PRO A 4 -33.96 -24.71 -5.49
CA PRO A 4 -33.51 -23.34 -5.73
C PRO A 4 -31.99 -23.17 -5.62
N LEU A 5 -31.37 -23.78 -4.62
CA LEU A 5 -29.93 -23.63 -4.43
C LEU A 5 -29.11 -24.22 -5.58
N LYS A 6 -29.58 -25.35 -6.12
CA LYS A 6 -28.90 -25.95 -7.26
C LYS A 6 -28.98 -25.01 -8.46
N ILE A 7 -30.14 -24.39 -8.65
CA ILE A 7 -30.34 -23.48 -9.77
C ILE A 7 -29.45 -22.23 -9.63
N ALA A 8 -29.34 -21.72 -8.41
CA ALA A 8 -28.48 -20.57 -8.15
C ALA A 8 -27.07 -20.94 -8.58
N ASP A 9 -26.63 -22.11 -8.11
CA ASP A 9 -25.28 -22.60 -8.37
C ASP A 9 -25.01 -22.71 -9.88
N GLN A 10 -25.94 -23.33 -10.60
CA GLN A 10 -25.79 -23.51 -12.06
C GLN A 10 -25.89 -22.20 -12.84
N SER A 11 -26.67 -21.25 -12.33
CA SER A 11 -26.87 -19.99 -13.04
C SER A 11 -25.65 -19.06 -12.95
N VAL A 12 -25.05 -18.99 -11.76
CA VAL A 12 -23.83 -18.24 -11.57
C VAL A 12 -22.69 -18.90 -12.34
N ASP A 13 -22.63 -20.22 -12.25
CA ASP A 13 -21.62 -21.00 -13.00
C ASP A 13 -21.69 -20.73 -14.51
N LEU A 14 -22.90 -20.72 -15.06
CA LEU A 14 -23.07 -20.48 -16.51
C LEU A 14 -22.66 -19.07 -16.90
N ASN A 15 -23.06 -18.10 -16.09
CA ASN A 15 -22.66 -16.72 -16.34
C ASN A 15 -21.14 -16.62 -16.52
N LEU A 16 -20.41 -17.31 -15.65
CA LEU A 16 -18.94 -17.30 -15.68
C LEU A 16 -18.43 -18.10 -16.90
N LYS A 17 -18.96 -19.30 -17.08
CA LYS A 17 -18.53 -20.11 -18.23
C LYS A 17 -18.63 -19.34 -19.54
N LEU A 18 -19.70 -18.55 -19.70
CA LEU A 18 -19.91 -17.83 -20.94
C LEU A 18 -18.79 -16.84 -21.26
N MSE A 19 -18.20 -16.25 -20.21
CA MSE A 19 -17.05 -15.37 -20.37
C MSE A 19 -15.92 -16.08 -21.11
O MSE A 19 -15.29 -15.50 -22.00
CB MSE A 19 -16.53 -14.92 -18.99
CG MSE A 19 -17.59 -14.40 -18.02
SE MSE A 19 -16.68 -13.66 -16.34
CE MSE A 19 -15.03 -13.53 -17.22
N LYS A 20 -15.66 -17.33 -20.73
CA LYS A 20 -14.62 -18.14 -21.36
C LYS A 20 -15.07 -18.62 -22.75
N TRP A 21 -16.26 -19.24 -22.81
CA TRP A 21 -16.70 -19.87 -24.05
C TRP A 21 -16.86 -18.87 -25.20
N ARG A 22 -17.37 -17.69 -24.88
CA ARG A 22 -17.88 -16.76 -25.89
C ARG A 22 -16.99 -15.57 -26.11
N ILE A 23 -16.12 -15.28 -25.13
CA ILE A 23 -15.33 -14.06 -25.18
C ILE A 23 -13.82 -14.30 -25.09
N LEU A 24 -13.39 -15.04 -24.07
CA LEU A 24 -11.95 -15.26 -23.81
C LEU A 24 -11.69 -16.75 -23.59
N PRO A 25 -11.59 -17.52 -24.69
CA PRO A 25 -11.38 -18.97 -24.56
C PRO A 25 -10.19 -19.36 -23.68
N ASP A 26 -9.15 -18.52 -23.60
CA ASP A 26 -7.99 -18.87 -22.77
C ASP A 26 -8.12 -18.48 -21.29
N LEU A 27 -9.26 -17.92 -20.90
CA LEU A 27 -9.46 -17.51 -19.53
C LEU A 27 -9.47 -18.72 -18.61
N ASN A 28 -8.67 -18.71 -17.55
CA ASN A 28 -8.76 -19.77 -16.53
C ASN A 28 -9.70 -19.37 -15.40
N LEU A 29 -10.92 -19.92 -15.42
CA LEU A 29 -11.93 -19.64 -14.39
C LEU A 29 -11.68 -20.46 -13.14
N ASP A 30 -11.24 -21.70 -13.31
CA ASP A 30 -11.05 -22.60 -12.17
C ASP A 30 -10.05 -22.04 -11.18
N ILE A 31 -8.99 -21.41 -11.68
CA ILE A 31 -7.93 -20.94 -10.79
C ILE A 31 -8.50 -19.88 -9.87
N ILE A 32 -9.40 -19.08 -10.41
CA ILE A 32 -10.05 -18.02 -9.64
C ILE A 32 -11.03 -18.62 -8.63
N LYS A 33 -11.87 -19.54 -9.09
CA LYS A 33 -12.86 -20.16 -8.20
C LYS A 33 -12.20 -20.80 -6.98
N ASN A 34 -11.05 -21.44 -7.19
CA ASN A 34 -10.40 -22.25 -6.15
C ASN A 34 -9.36 -21.48 -5.30
N THR A 35 -9.22 -20.19 -5.57
CA THR A 35 -8.28 -19.39 -4.79
C THR A 35 -8.87 -19.11 -3.41
N LYS A 36 -8.19 -19.54 -2.35
CA LYS A 36 -8.66 -19.25 -1.00
C LYS A 36 -8.26 -17.83 -0.62
N VAL A 37 -9.23 -16.97 -0.34
CA VAL A 37 -8.93 -15.56 -0.11
C VAL A 37 -9.03 -15.17 1.37
N LEU A 38 -7.97 -14.56 1.91
CA LEU A 38 -8.02 -13.98 3.26
C LEU A 38 -8.18 -12.47 3.15
N LEU A 39 -9.25 -11.93 3.74
CA LEU A 39 -9.47 -10.48 3.75
C LEU A 39 -9.12 -9.91 5.14
N LEU A 40 -8.00 -9.20 5.22
CA LEU A 40 -7.65 -8.53 6.48
C LEU A 40 -8.32 -7.18 6.52
N GLY A 41 -9.46 -7.12 7.21
CA GLY A 41 -10.28 -5.93 7.23
C GLY A 41 -11.65 -6.20 6.59
N ALA A 42 -12.71 -5.88 7.34
CA ALA A 42 -14.09 -6.08 6.88
C ALA A 42 -14.86 -4.75 6.90
N GLY A 43 -14.14 -3.68 6.58
CA GLY A 43 -14.71 -2.35 6.50
C GLY A 43 -15.18 -2.06 5.09
N THR A 44 -15.15 -0.80 4.67
CA THR A 44 -15.67 -0.42 3.36
C THR A 44 -14.92 -1.18 2.25
N LEU A 45 -13.60 -1.33 2.38
CA LEU A 45 -12.87 -2.13 1.39
C LEU A 45 -13.21 -3.61 1.46
N GLY A 46 -13.11 -4.19 2.65
CA GLY A 46 -13.37 -5.61 2.78
C GLY A 46 -14.74 -6.02 2.24
N CYS A 47 -15.75 -5.20 2.50
CA CYS A 47 -17.10 -5.50 2.01
C CYS A 47 -17.20 -5.44 0.48
N TYR A 48 -16.72 -4.34 -0.11
CA TYR A 48 -16.79 -4.21 -1.57
C TYR A 48 -15.87 -5.19 -2.30
N VAL A 49 -14.66 -5.41 -1.80
CA VAL A 49 -13.80 -6.46 -2.36
C VAL A 49 -14.48 -7.84 -2.35
N SER A 50 -15.09 -8.21 -1.23
CA SER A 50 -15.80 -9.52 -1.19
C SER A 50 -16.97 -9.62 -2.19
N ARG A 51 -17.70 -8.51 -2.42
CA ARG A 51 -18.78 -8.52 -3.42
C ARG A 51 -18.23 -8.73 -4.83
N ALA A 52 -17.09 -8.14 -5.12
CA ALA A 52 -16.48 -8.33 -6.43
C ALA A 52 -15.94 -9.77 -6.59
N LEU A 53 -15.38 -10.32 -5.52
CA LEU A 53 -14.87 -11.71 -5.57
C LEU A 53 -15.98 -12.75 -5.82
N ILE A 54 -17.10 -12.65 -5.10
CA ILE A 54 -18.11 -13.70 -5.26
C ILE A 54 -18.68 -13.68 -6.66
N ALA A 55 -18.75 -12.49 -7.27
CA ALA A 55 -19.28 -12.38 -8.63
C ALA A 55 -18.34 -13.02 -9.65
N TRP A 56 -17.05 -13.07 -9.30
CA TRP A 56 -16.03 -13.77 -10.10
C TRP A 56 -15.99 -15.28 -9.83
N GLY A 57 -16.81 -15.74 -8.90
CA GLY A 57 -16.89 -17.17 -8.63
C GLY A 57 -16.03 -17.73 -7.51
N VAL A 58 -15.35 -16.85 -6.75
CA VAL A 58 -14.50 -17.30 -5.66
C VAL A 58 -15.37 -17.95 -4.61
N ARG A 59 -14.96 -19.13 -4.14
CA ARG A 59 -15.77 -19.90 -3.19
C ARG A 59 -15.39 -19.79 -1.72
N LYS A 60 -14.12 -19.51 -1.42
CA LYS A 60 -13.69 -19.43 -0.02
C LYS A 60 -13.13 -18.06 0.30
N ILE A 61 -13.81 -17.37 1.21
CA ILE A 61 -13.39 -16.06 1.66
C ILE A 61 -13.47 -16.08 3.17
N THR A 62 -12.39 -15.64 3.82
CA THR A 62 -12.30 -15.57 5.27
C THR A 62 -12.02 -14.14 5.66
N PHE A 63 -12.93 -13.53 6.44
CA PHE A 63 -12.77 -12.15 6.95
C PHE A 63 -12.05 -12.17 8.30
N VAL A 64 -11.08 -11.27 8.48
CA VAL A 64 -10.46 -11.05 9.79
C VAL A 64 -10.71 -9.61 10.19
N ASP A 65 -11.40 -9.39 11.30
CA ASP A 65 -11.69 -8.03 11.79
C ASP A 65 -12.05 -8.13 13.26
N ASN A 66 -11.45 -7.29 14.10
CA ASN A 66 -11.75 -7.34 15.52
C ASN A 66 -12.89 -6.40 15.95
N GLY A 67 -13.53 -5.75 14.97
CA GLY A 67 -14.49 -4.70 15.27
C GLY A 67 -15.95 -5.11 15.35
N THR A 68 -16.81 -4.13 15.64
CA THR A 68 -18.26 -4.30 15.65
C THR A 68 -18.88 -3.31 14.66
N VAL A 69 -20.12 -3.56 14.23
CA VAL A 69 -20.76 -2.63 13.29
C VAL A 69 -21.19 -1.33 14.00
N SER A 70 -20.68 -0.19 13.53
CA SER A 70 -21.04 1.13 14.11
C SER A 70 -22.25 1.71 13.40
N TYR A 71 -22.88 2.72 14.00
CA TYR A 71 -24.10 3.28 13.40
C TYR A 71 -23.86 3.98 12.06
N SER A 72 -22.64 4.46 11.85
CA SER A 72 -22.34 5.11 10.57
C SER A 72 -21.91 4.12 9.47
N ASN A 73 -21.70 2.85 9.84
CA ASN A 73 -21.12 1.86 8.90
C ASN A 73 -21.97 1.39 7.70
N PRO A 74 -23.25 1.02 7.92
CA PRO A 74 -23.99 0.37 6.83
C PRO A 74 -24.05 1.15 5.52
N VAL A 75 -24.17 2.48 5.53
CA VAL A 75 -24.22 3.17 4.24
C VAL A 75 -22.93 2.97 3.43
N ARG A 76 -21.79 2.81 4.10
CA ARG A 76 -20.50 2.65 3.41
C ARG A 76 -19.95 1.21 3.34
N GLN A 77 -20.40 0.35 4.25
CA GLN A 77 -19.83 -0.98 4.40
C GLN A 77 -20.90 -2.00 4.03
N ALA A 78 -20.78 -2.52 2.80
CA ALA A 78 -21.92 -3.00 2.03
C ALA A 78 -22.40 -4.40 2.31
N LEU A 79 -22.02 -4.97 3.45
CA LEU A 79 -22.57 -6.27 3.88
C LEU A 79 -23.42 -6.13 5.14
N TYR A 80 -23.50 -4.91 5.69
CA TYR A 80 -24.18 -4.67 6.98
C TYR A 80 -25.47 -3.87 6.82
N ASN A 81 -26.46 -4.18 7.68
CA ASN A 81 -27.73 -3.45 7.72
C ASN A 81 -27.92 -2.71 9.06
N PHE A 82 -28.90 -1.81 9.10
CA PHE A 82 -29.17 -1.04 10.31
C PHE A 82 -29.34 -1.96 11.53
N GLU A 83 -30.03 -3.07 11.33
CA GLU A 83 -30.35 -4.01 12.42
C GLU A 83 -29.10 -4.71 12.97
N ASP A 84 -28.00 -4.61 12.23
CA ASP A 84 -26.76 -5.28 12.60
C ASP A 84 -25.90 -4.45 13.57
N CYS A 85 -26.27 -3.20 13.79
CA CYS A 85 -25.37 -2.31 14.53
C CYS A 85 -25.08 -2.81 15.95
N GLY A 86 -23.81 -2.78 16.34
CA GLY A 86 -23.41 -3.26 17.64
C GLY A 86 -22.83 -4.67 17.61
N LYS A 87 -23.15 -5.42 16.56
CA LYS A 87 -22.71 -6.82 16.44
C LYS A 87 -21.29 -6.94 15.85
N PRO A 88 -20.59 -8.03 16.20
CA PRO A 88 -19.24 -8.33 15.66
C PRO A 88 -19.21 -8.43 14.15
N LYS A 89 -18.33 -7.63 13.53
CA LYS A 89 -18.28 -7.46 12.07
C LYS A 89 -17.92 -8.70 11.28
N ALA A 90 -16.81 -9.34 11.66
CA ALA A 90 -16.28 -10.39 10.78
C ALA A 90 -17.26 -11.54 10.57
N GLU A 91 -17.89 -12.00 11.64
CA GLU A 91 -18.80 -13.14 11.48
C GLU A 91 -20.09 -12.72 10.79
N LEU A 92 -20.47 -11.47 10.98
CA LEU A 92 -21.64 -10.95 10.27
C LEU A 92 -21.35 -10.86 8.77
N ALA A 93 -20.14 -10.43 8.42
CA ALA A 93 -19.77 -10.32 7.02
C ALA A 93 -19.85 -11.68 6.35
N ALA A 94 -19.30 -12.71 7.01
CA ALA A 94 -19.40 -14.08 6.51
C ALA A 94 -20.85 -14.51 6.31
N ALA A 95 -21.70 -14.26 7.31
CA ALA A 95 -23.11 -14.64 7.23
C ALA A 95 -23.83 -13.89 6.10
N SER A 96 -23.45 -12.64 5.91
CA SER A 96 -24.01 -11.84 4.85
C SER A 96 -23.66 -12.37 3.45
N LEU A 97 -22.42 -12.84 3.28
CA LEU A 97 -22.04 -13.46 2.01
C LEU A 97 -22.86 -14.71 1.71
N LYS A 98 -23.14 -15.50 2.75
CA LYS A 98 -23.93 -16.72 2.55
C LYS A 98 -25.39 -16.41 2.26
N ARG A 99 -25.88 -15.30 2.81
CA ARG A 99 -27.22 -14.87 2.50
C ARG A 99 -27.33 -14.46 1.01
N ILE A 100 -26.24 -13.93 0.44
CA ILE A 100 -26.23 -13.58 -0.98
C ILE A 100 -26.20 -14.86 -1.83
N PHE A 101 -25.24 -15.74 -1.51
CA PHE A 101 -25.00 -16.99 -2.24
C PHE A 101 -24.64 -18.11 -1.25
N PRO A 102 -25.64 -18.95 -0.90
CA PRO A 102 -25.47 -19.88 0.23
C PRO A 102 -24.37 -20.95 0.07
N LEU A 103 -23.84 -21.16 -1.13
CA LEU A 103 -22.73 -22.12 -1.26
C LEU A 103 -21.36 -21.54 -0.82
N MSE A 104 -21.30 -20.25 -0.51
CA MSE A 104 -20.01 -19.66 -0.10
C MSE A 104 -19.41 -20.38 1.11
O MSE A 104 -20.09 -20.58 2.11
CB MSE A 104 -20.16 -18.17 0.26
CG MSE A 104 -20.31 -17.17 -0.90
SE MSE A 104 -19.03 -17.39 -2.39
CE MSE A 104 -17.51 -16.82 -1.27
N ASP A 105 -18.13 -20.77 1.03
CA ASP A 105 -17.38 -21.16 2.23
C ASP A 105 -16.84 -19.87 2.85
N ALA A 106 -17.73 -19.12 3.50
CA ALA A 106 -17.37 -17.84 4.09
C ALA A 106 -17.24 -17.98 5.59
N THR A 107 -16.13 -17.48 6.14
CA THR A 107 -15.86 -17.58 7.57
C THR A 107 -15.43 -16.19 8.08
N GLY A 108 -15.69 -15.91 9.35
CA GLY A 108 -15.25 -14.67 9.95
C GLY A 108 -14.47 -14.97 11.22
N VAL A 109 -13.42 -14.20 11.49
CA VAL A 109 -12.60 -14.38 12.69
C VAL A 109 -12.37 -13.05 13.40
N LYS A 110 -12.81 -12.95 14.66
CA LYS A 110 -12.61 -11.73 15.43
C LYS A 110 -11.22 -11.85 16.01
N LEU A 111 -10.24 -11.29 15.30
CA LEU A 111 -8.84 -11.42 15.65
C LEU A 111 -8.19 -10.06 15.54
N SER A 112 -7.47 -9.65 16.59
CA SER A 112 -6.67 -8.43 16.60
C SER A 112 -5.29 -8.69 16.02
N ILE A 113 -4.86 -7.84 15.10
CA ILE A 113 -3.51 -7.90 14.54
C ILE A 113 -2.57 -7.05 15.41
N PRO A 114 -1.52 -7.67 15.99
CA PRO A 114 -0.60 -6.88 16.82
C PRO A 114 -0.01 -5.71 16.04
N MSE A 115 -0.04 -4.52 16.64
CA MSE A 115 0.35 -3.31 15.92
C MSE A 115 1.70 -2.75 16.37
O MSE A 115 1.88 -2.44 17.53
CB MSE A 115 -0.74 -2.23 16.05
CG MSE A 115 -1.98 -2.42 15.10
SE MSE A 115 -3.32 -1.12 15.69
CE MSE A 115 -2.31 0.51 15.48
N ILE A 116 2.62 -2.63 15.42
CA ILE A 116 3.93 -2.07 15.71
C ILE A 116 3.83 -0.63 16.28
N GLY A 117 4.68 -0.33 17.26
CA GLY A 117 4.63 0.96 17.95
C GLY A 117 3.75 1.00 19.18
N HIS A 118 3.03 -0.09 19.46
CA HIS A 118 2.14 -0.15 20.62
C HIS A 118 2.70 -1.13 21.66
N LYS A 119 2.68 -0.72 22.93
CA LYS A 119 3.06 -1.60 24.02
C LYS A 119 2.29 -2.92 23.99
N LEU A 120 2.96 -4.03 24.24
CA LEU A 120 2.28 -5.32 24.41
C LEU A 120 1.51 -5.31 25.72
N VAL A 121 0.20 -5.49 25.66
CA VAL A 121 -0.59 -5.44 26.89
C VAL A 121 -0.60 -6.78 27.61
N ASN A 122 -0.58 -7.86 26.84
CA ASN A 122 -0.59 -9.22 27.37
C ASN A 122 0.25 -10.09 26.44
N GLU A 123 1.54 -10.23 26.74
CA GLU A 123 2.48 -10.93 25.86
C GLU A 123 1.96 -12.26 25.36
N GLU A 124 1.32 -13.02 26.25
CA GLU A 124 0.88 -14.37 25.91
C GLU A 124 -0.29 -14.36 24.92
N ALA A 125 -1.29 -13.52 25.19
CA ALA A 125 -2.48 -13.46 24.34
C ALA A 125 -2.13 -12.96 22.95
N GLN A 126 -1.17 -12.03 22.88
CA GLN A 126 -0.78 -11.49 21.59
C GLN A 126 0.18 -12.40 20.86
N HIS A 127 0.89 -13.22 21.60
CA HIS A 127 1.65 -14.31 21.01
C HIS A 127 0.69 -15.20 20.27
N LYS A 128 -0.45 -15.49 20.89
CA LYS A 128 -1.46 -16.33 20.25
C LYS A 128 -2.08 -15.63 19.03
N ASP A 129 -2.37 -14.34 19.13
CA ASP A 129 -2.86 -13.59 17.96
C ASP A 129 -1.88 -13.72 16.78
N PHE A 130 -0.60 -13.50 17.06
CA PHE A 130 0.47 -13.66 16.07
C PHE A 130 0.45 -15.05 15.44
N ASP A 131 0.39 -16.09 16.26
CA ASP A 131 0.39 -17.46 15.75
C ASP A 131 -0.87 -17.72 14.90
N ARG A 132 -2.00 -17.18 15.34
CA ARG A 132 -3.25 -17.40 14.63
C ARG A 132 -3.21 -16.70 13.28
N LEU A 133 -2.70 -15.46 13.27
CA LEU A 133 -2.53 -14.72 12.02
C LEU A 133 -1.60 -15.43 11.06
N ARG A 134 -0.49 -15.95 11.55
CA ARG A 134 0.44 -16.64 10.66
C ARG A 134 -0.20 -17.88 10.04
N ALA A 135 -0.98 -18.60 10.84
CA ALA A 135 -1.64 -19.81 10.36
C ALA A 135 -2.73 -19.52 9.33
N LEU A 136 -3.51 -18.45 9.54
CA LEU A 136 -4.51 -18.06 8.55
C LEU A 136 -3.84 -17.66 7.24
N ILE A 137 -2.76 -16.89 7.35
CA ILE A 137 -1.99 -16.50 6.16
C ILE A 137 -1.46 -17.72 5.40
N LYS A 138 -0.88 -18.66 6.15
CA LYS A 138 -0.36 -19.90 5.56
C LYS A 138 -1.45 -20.75 4.88
N GLU A 139 -2.64 -20.74 5.48
CA GLU A 139 -3.77 -21.52 5.00
C GLU A 139 -4.33 -21.03 3.67
N HIS A 140 -4.25 -19.72 3.42
CA HIS A 140 -4.89 -19.13 2.25
C HIS A 140 -3.92 -18.88 1.11
N ASP A 141 -4.44 -18.48 -0.05
CA ASP A 141 -3.65 -18.36 -1.28
C ASP A 141 -3.32 -16.91 -1.61
N ILE A 142 -4.31 -16.04 -1.45
CA ILE A 142 -4.14 -14.61 -1.70
C ILE A 142 -4.63 -13.81 -0.49
N ILE A 143 -3.80 -12.87 -0.04
CA ILE A 143 -4.10 -12.07 1.13
C ILE A 143 -4.38 -10.63 0.68
N PHE A 144 -5.58 -10.13 0.97
CA PHE A 144 -5.89 -8.71 0.76
C PHE A 144 -5.66 -7.96 2.07
N LEU A 145 -4.83 -6.92 1.99
CA LEU A 145 -4.52 -6.11 3.15
C LEU A 145 -5.39 -4.86 3.10
N LEU A 146 -6.47 -4.85 3.88
CA LEU A 146 -7.54 -3.86 3.77
C LEU A 146 -7.82 -3.20 5.14
N VAL A 147 -6.77 -3.03 5.93
CA VAL A 147 -6.87 -2.50 7.29
C VAL A 147 -6.85 -0.98 7.29
N ASP A 148 -6.87 -0.36 8.47
CA ASP A 148 -7.15 1.07 8.52
C ASP A 148 -6.08 1.95 9.15
N SER A 149 -4.85 1.46 9.20
CA SER A 149 -3.75 2.31 9.61
C SER A 149 -2.43 1.90 8.97
N ARG A 150 -1.43 2.76 9.08
CA ARG A 150 -0.09 2.42 8.63
C ARG A 150 0.46 1.21 9.41
N GLU A 151 0.40 1.27 10.73
CA GLU A 151 1.06 0.24 11.55
C GLU A 151 0.40 -1.14 11.44
N SER A 152 -0.91 -1.17 11.24
CA SER A 152 -1.61 -2.44 11.03
C SER A 152 -1.14 -3.17 9.77
N ARG A 153 -0.52 -2.46 8.84
CA ARG A 153 -0.05 -3.13 7.61
C ARG A 153 1.31 -3.82 7.76
N TRP A 154 2.06 -3.48 8.82
CA TRP A 154 3.42 -4.02 8.96
C TRP A 154 3.50 -5.55 9.16
N LEU A 155 2.98 -6.04 10.29
CA LEU A 155 3.11 -7.47 10.57
C LEU A 155 2.51 -8.38 9.48
N PRO A 156 1.32 -8.04 8.95
CA PRO A 156 0.83 -8.93 7.88
C PRO A 156 1.71 -8.89 6.63
N SER A 157 2.34 -7.76 6.33
CA SER A 157 3.21 -7.70 5.15
C SER A 157 4.40 -8.63 5.35
N LEU A 158 4.99 -8.58 6.54
CA LEU A 158 6.14 -9.43 6.84
C LEU A 158 5.78 -10.91 6.80
N LEU A 159 4.74 -11.30 7.53
CA LEU A 159 4.30 -12.70 7.54
C LEU A 159 3.95 -13.26 6.15
N SER A 160 3.33 -12.45 5.31
CA SER A 160 2.97 -12.90 3.97
C SER A 160 4.21 -13.11 3.11
N ASN A 161 5.20 -12.25 3.29
CA ASN A 161 6.47 -12.39 2.57
C ASN A 161 7.15 -13.68 3.07
N ILE A 162 7.17 -13.87 4.39
CA ILE A 162 7.75 -15.07 4.98
C ILE A 162 7.10 -16.34 4.45
N GLU A 163 5.77 -16.34 4.35
CA GLU A 163 5.03 -17.50 3.87
C GLU A 163 4.89 -17.55 2.35
N ASN A 164 5.53 -16.61 1.68
CA ASN A 164 5.55 -16.58 0.22
C ASN A 164 4.15 -16.51 -0.41
N LYS A 165 3.28 -15.67 0.15
CA LYS A 165 1.93 -15.49 -0.38
C LYS A 165 1.84 -14.18 -1.13
N THR A 166 0.95 -14.12 -2.11
CA THR A 166 0.69 -12.90 -2.84
C THR A 166 -0.16 -11.99 -1.99
N VAL A 167 0.29 -10.75 -1.83
CA VAL A 167 -0.45 -9.76 -1.07
C VAL A 167 -0.96 -8.71 -2.04
N ILE A 168 -2.25 -8.40 -1.96
CA ILE A 168 -2.79 -7.23 -2.64
C ILE A 168 -3.18 -6.23 -1.55
N ASN A 169 -2.56 -5.05 -1.57
CA ASN A 169 -2.69 -4.05 -0.52
C ASN A 169 -3.46 -2.88 -1.08
N ALA A 170 -4.58 -2.50 -0.44
CA ALA A 170 -5.35 -1.35 -0.88
C ALA A 170 -5.56 -0.38 0.25
N ALA A 171 -5.50 0.91 -0.04
CA ALA A 171 -5.59 1.92 1.00
C ALA A 171 -6.24 3.17 0.44
N LEU A 172 -7.04 3.84 1.27
CA LEU A 172 -7.81 5.00 0.83
C LEU A 172 -7.40 6.33 1.48
N GLY A 173 -7.57 7.42 0.73
CA GLY A 173 -7.56 8.76 1.30
C GLY A 173 -8.90 9.43 0.99
N PHE A 174 -9.02 10.72 1.28
CA PHE A 174 -10.30 11.41 1.08
C PHE A 174 -10.78 11.34 -0.37
N ASP A 175 -9.87 11.56 -1.32
CA ASP A 175 -10.25 11.53 -2.74
C ASP A 175 -9.24 10.82 -3.63
N SER A 176 -8.41 9.98 -3.02
CA SER A 176 -7.48 9.18 -3.79
C SER A 176 -7.39 7.77 -3.21
N TYR A 177 -6.69 6.88 -3.91
CA TYR A 177 -6.54 5.51 -3.43
C TYR A 177 -5.28 4.89 -4.00
N LEU A 178 -4.84 3.81 -3.35
CA LEU A 178 -3.67 3.05 -3.74
C LEU A 178 -4.08 1.59 -3.79
N VAL A 179 -3.72 0.90 -4.87
CA VAL A 179 -3.89 -0.54 -4.99
C VAL A 179 -2.57 -1.10 -5.52
N MSE A 180 -1.95 -2.02 -4.80
CA MSE A 180 -0.66 -2.54 -5.25
C MSE A 180 -0.49 -4.02 -4.89
O MSE A 180 -1.14 -4.51 -3.99
CB MSE A 180 0.52 -1.68 -4.68
CG MSE A 180 0.76 -1.74 -3.16
SE MSE A 180 2.13 -0.67 -2.57
CE MSE A 180 3.46 -1.46 -3.43
N ARG A 181 0.37 -4.71 -5.63
CA ARG A 181 0.76 -6.06 -5.22
C ARG A 181 2.18 -5.99 -4.67
N HIS A 182 2.41 -6.57 -3.51
CA HIS A 182 3.74 -6.58 -2.90
C HIS A 182 4.64 -7.53 -3.68
N GLY A 183 5.94 -7.25 -3.67
CA GLY A 183 6.89 -8.16 -4.29
C GLY A 183 7.06 -9.41 -3.45
N ASN A 184 7.54 -10.48 -4.06
CA ASN A 184 7.91 -11.69 -3.31
C ASN A 184 9.39 -12.02 -3.55
N ARG A 185 9.99 -12.79 -2.66
CA ARG A 185 11.38 -13.20 -2.82
C ARG A 185 11.56 -14.29 -3.89
N ASP A 186 12.48 -14.03 -4.83
CA ASP A 186 12.87 -15.02 -5.82
C ASP A 186 14.28 -15.50 -5.51
N GLU A 187 14.46 -16.80 -5.38
CA GLU A 187 15.75 -17.36 -4.96
C GLU A 187 16.83 -17.15 -6.00
N GLN A 188 16.47 -17.21 -7.28
CA GLN A 188 17.43 -17.08 -8.36
C GLN A 188 17.51 -15.68 -8.96
N SER A 189 16.36 -15.03 -9.09
CA SER A 189 16.29 -13.69 -9.68
C SER A 189 16.55 -12.58 -8.65
N SER A 190 17.42 -11.64 -9.00
CA SER A 190 17.75 -10.53 -8.10
C SER A 190 16.74 -9.38 -8.22
N LYS A 191 15.70 -9.60 -9.03
CA LYS A 191 14.63 -8.63 -9.20
C LYS A 191 13.49 -8.91 -8.22
N GLN A 192 12.97 -7.85 -7.61
CA GLN A 192 11.85 -7.97 -6.69
C GLN A 192 11.09 -6.66 -6.64
N LEU A 193 9.76 -6.72 -6.63
CA LEU A 193 8.94 -5.51 -6.62
C LEU A 193 8.79 -4.94 -5.21
N GLY A 194 8.50 -3.65 -5.15
CA GLY A 194 8.33 -2.97 -3.87
C GLY A 194 7.11 -3.39 -3.07
N CYS A 195 7.10 -3.02 -1.78
CA CYS A 195 5.94 -3.18 -0.92
C CYS A 195 5.50 -1.80 -0.44
N TYR A 196 4.43 -1.77 0.32
CA TYR A 196 3.84 -0.54 0.82
C TYR A 196 4.85 0.31 1.60
N PHE A 197 5.81 -0.35 2.25
CA PHE A 197 6.75 0.35 3.14
C PHE A 197 8.05 0.79 2.44
N CYS A 198 8.19 0.44 1.15
CA CYS A 198 9.40 0.76 0.38
C CYS A 198 9.49 2.23 -0.05
N HIS A 199 8.41 2.99 0.11
CA HIS A 199 8.35 4.34 -0.47
C HIS A 199 8.68 5.53 0.44
N ASP A 200 8.99 5.26 1.71
CA ASP A 200 9.37 6.32 2.63
C ASP A 200 10.51 5.76 3.48
N VAL A 201 10.92 6.50 4.51
CA VAL A 201 12.14 6.15 5.22
C VAL A 201 11.98 6.14 6.74
N VAL A 202 10.75 5.84 7.20
CA VAL A 202 10.48 5.75 8.63
C VAL A 202 9.86 4.41 8.96
N ALA A 203 10.24 3.84 10.09
CA ALA A 203 9.59 2.61 10.54
C ALA A 203 8.16 2.97 10.93
N PRO A 204 7.18 2.11 10.60
CA PRO A 204 5.82 2.30 11.10
C PRO A 204 5.78 2.28 12.62
N THR A 205 4.89 3.07 13.22
CA THR A 205 4.79 3.16 14.67
C THR A 205 3.36 3.55 15.06
N ASP A 206 3.14 3.97 16.30
CA ASP A 206 1.79 4.27 16.79
C ASP A 206 1.31 5.59 16.18
N SER A 207 0.29 5.54 15.35
CA SER A 207 -0.21 6.75 14.69
C SER A 207 -1.56 7.11 15.28
N LEU A 208 -1.99 6.33 16.27
CA LEU A 208 -3.40 6.28 16.69
C LEU A 208 -3.66 6.81 18.10
N THR A 209 -2.85 6.37 19.05
CA THR A 209 -3.03 6.80 20.43
C THR A 209 -3.08 8.33 20.50
N ASP A 210 -2.39 8.98 19.57
CA ASP A 210 -2.29 10.44 19.58
C ASP A 210 -3.43 11.14 18.83
N ARG A 211 -3.52 10.86 17.53
CA ARG A 211 -4.40 11.63 16.64
C ARG A 211 -5.91 11.50 16.91
N THR A 212 -6.49 12.64 17.33
CA THR A 212 -7.90 12.79 17.65
C THR A 212 -8.81 12.50 16.45
N LEU A 213 -10.09 12.84 16.58
CA LEU A 213 -11.08 12.64 15.53
C LEU A 213 -11.04 11.24 14.94
N ASP A 214 -11.52 10.29 15.73
CA ASP A 214 -11.52 8.89 15.31
C ASP A 214 -12.15 8.76 13.94
N GLN A 215 -13.26 9.46 13.75
CA GLN A 215 -14.08 9.17 12.59
C GLN A 215 -13.46 9.56 11.25
N MSE A 216 -12.37 10.32 11.28
CA MSE A 216 -11.74 10.76 10.01
C MSE A 216 -11.27 9.61 9.09
O MSE A 216 -11.13 9.83 7.89
CB MSE A 216 -10.61 11.75 10.27
CG MSE A 216 -11.07 13.06 10.93
SE MSE A 216 -12.26 14.13 9.80
CE MSE A 216 -11.00 14.46 8.34
N SER A 217 -11.05 8.43 9.65
CA SER A 217 -10.63 7.29 8.83
C SER A 217 -11.74 6.76 7.94
N THR A 218 -12.97 7.23 8.14
CA THR A 218 -14.05 6.87 7.20
C THR A 218 -14.63 8.12 6.55
N VAL A 219 -13.93 9.24 6.70
CA VAL A 219 -14.37 10.46 6.03
C VAL A 219 -13.72 10.56 4.64
N THR A 220 -14.34 9.86 3.69
CA THR A 220 -13.83 9.78 2.33
C THR A 220 -14.97 9.92 1.34
N ARG A 221 -14.70 10.44 0.15
CA ARG A 221 -15.74 10.40 -0.88
C ARG A 221 -16.12 8.94 -1.09
N PRO A 222 -17.41 8.61 -0.99
CA PRO A 222 -17.87 7.22 -1.11
C PRO A 222 -17.33 6.47 -2.33
N GLY A 223 -17.12 7.19 -3.43
CA GLY A 223 -16.60 6.56 -4.64
C GLY A 223 -15.23 5.90 -4.52
N VAL A 224 -14.37 6.39 -3.63
CA VAL A 224 -13.01 5.85 -3.63
C VAL A 224 -12.94 4.38 -3.21
N ALA A 225 -13.73 3.98 -2.22
CA ALA A 225 -13.71 2.58 -1.77
C ALA A 225 -14.15 1.61 -2.87
N MSE A 226 -15.11 2.04 -3.67
CA MSE A 226 -15.66 1.18 -4.73
C MSE A 226 -14.68 1.02 -5.88
O MSE A 226 -14.52 -0.06 -6.45
CB MSE A 226 -16.97 1.76 -5.21
CG MSE A 226 -17.87 2.07 -4.03
SE MSE A 226 -19.64 2.69 -4.56
CE MSE A 226 -19.78 1.61 -6.30
N MSE A 227 -13.99 2.10 -6.22
CA MSE A 227 -12.99 2.07 -7.29
C MSE A 227 -11.82 1.21 -6.84
O MSE A 227 -11.41 0.30 -7.55
CB MSE A 227 -12.51 3.48 -7.63
CG MSE A 227 -13.69 4.35 -7.90
SE MSE A 227 -13.24 6.17 -8.39
CE MSE A 227 -11.73 5.85 -9.61
N ALA A 228 -11.28 1.49 -5.65
CA ALA A 228 -10.14 0.71 -5.17
C ALA A 228 -10.46 -0.77 -5.07
N SER A 229 -11.62 -1.09 -4.51
CA SER A 229 -12.00 -2.50 -4.34
C SER A 229 -12.12 -3.22 -5.66
N SER A 230 -12.78 -2.57 -6.64
CA SER A 230 -12.96 -3.22 -7.93
C SER A 230 -11.62 -3.44 -8.65
N LEU A 231 -10.72 -2.47 -8.56
CA LEU A 231 -9.41 -2.59 -9.22
C LEU A 231 -8.55 -3.67 -8.57
N ALA A 232 -8.62 -3.75 -7.24
CA ALA A 232 -7.86 -4.76 -6.50
C ALA A 232 -8.25 -6.17 -6.95
N VAL A 233 -9.54 -6.40 -7.10
CA VAL A 233 -10.00 -7.72 -7.52
C VAL A 233 -9.64 -8.03 -8.99
N GLU A 234 -9.75 -7.04 -9.86
CA GLU A 234 -9.43 -7.26 -11.28
C GLU A 234 -7.93 -7.46 -11.43
N LEU A 235 -7.14 -6.82 -10.58
CA LEU A 235 -5.71 -7.05 -10.56
C LEU A 235 -5.48 -8.51 -10.18
N MSE A 236 -6.18 -8.99 -9.14
CA MSE A 236 -6.01 -10.39 -8.75
C MSE A 236 -6.35 -11.36 -9.88
O MSE A 236 -5.62 -12.33 -10.14
CB MSE A 236 -6.82 -10.74 -7.50
CG MSE A 236 -6.51 -12.14 -6.94
SE MSE A 236 -8.02 -12.85 -5.89
CE MSE A 236 -7.28 -14.49 -5.27
N THR A 237 -7.47 -11.11 -10.57
CA THR A 237 -7.88 -12.09 -11.58
C THR A 237 -6.91 -12.14 -12.75
N SER A 238 -6.39 -10.98 -13.14
CA SER A 238 -5.38 -10.95 -14.18
C SER A 238 -4.08 -11.64 -13.72
N LEU A 239 -3.60 -11.28 -12.52
CA LEU A 239 -2.42 -11.88 -11.94
C LEU A 239 -2.45 -13.40 -11.89
N LEU A 240 -3.63 -13.97 -11.67
CA LEU A 240 -3.78 -15.42 -11.61
C LEU A 240 -3.69 -16.10 -12.98
N GLN A 241 -3.68 -15.31 -14.05
CA GLN A 241 -3.61 -15.91 -15.39
C GLN A 241 -2.14 -16.09 -15.81
N THR A 242 -1.88 -16.98 -16.77
CA THR A 242 -0.53 -17.20 -17.27
C THR A 242 -0.11 -16.02 -18.15
N LYS A 243 1.17 -15.65 -18.08
CA LYS A 243 1.70 -14.56 -18.90
C LYS A 243 1.98 -15.02 -20.33
N TYR A 244 1.78 -14.11 -21.28
CA TYR A 244 2.22 -14.36 -22.64
C TYR A 244 3.75 -14.28 -22.70
N SER A 245 4.35 -15.03 -23.62
CA SER A 245 5.81 -15.22 -23.68
C SER A 245 6.66 -13.95 -23.58
N GLY A 246 6.41 -12.99 -24.45
CA GLY A 246 7.27 -11.82 -24.51
C GLY A 246 6.77 -10.54 -23.86
N SER A 247 5.98 -10.66 -22.79
CA SER A 247 5.37 -9.47 -22.21
C SER A 247 4.91 -9.65 -20.77
N GLU A 248 4.50 -8.56 -20.16
CA GLU A 248 3.90 -8.58 -18.83
C GLU A 248 2.40 -8.42 -18.98
N THR A 249 1.77 -9.38 -19.65
CA THR A 249 0.34 -9.34 -19.89
C THR A 249 -0.24 -10.75 -19.91
N THR A 250 -1.54 -10.83 -19.67
CA THR A 250 -2.23 -12.10 -19.61
C THR A 250 -3.46 -12.00 -20.49
N VAL A 251 -4.27 -13.06 -20.50
CA VAL A 251 -5.51 -13.03 -21.28
C VAL A 251 -6.44 -11.90 -20.80
N LEU A 252 -6.28 -11.45 -19.54
CA LEU A 252 -7.10 -10.38 -19.00
C LEU A 252 -6.44 -9.00 -19.11
N GLY A 253 -5.24 -8.97 -19.68
CA GLY A 253 -4.56 -7.71 -19.95
C GLY A 253 -3.37 -7.50 -19.00
N ASP A 254 -3.18 -6.26 -18.57
CA ASP A 254 -2.02 -5.86 -17.74
C ASP A 254 -2.00 -6.44 -16.31
N ILE A 255 -0.80 -6.44 -15.71
CA ILE A 255 -0.64 -6.83 -14.31
C ILE A 255 0.25 -5.78 -13.62
N PRO A 256 -0.24 -4.55 -13.51
CA PRO A 256 0.60 -3.48 -12.94
C PRO A 256 1.01 -3.77 -11.51
N HIS A 257 2.21 -3.35 -11.14
CA HIS A 257 2.67 -3.45 -9.76
C HIS A 257 1.78 -2.60 -8.84
N GLN A 258 1.52 -1.38 -9.27
CA GLN A 258 0.99 -0.38 -8.38
C GLN A 258 0.05 0.57 -9.14
N ILE A 259 -1.10 0.87 -8.55
CA ILE A 259 -2.10 1.74 -9.13
C ILE A 259 -2.50 2.86 -8.17
N ARG A 260 -2.47 4.10 -8.62
CA ARG A 260 -2.93 5.19 -7.78
C ARG A 260 -3.93 6.02 -8.54
N GLY A 261 -5.11 6.20 -7.96
CA GLY A 261 -6.20 6.89 -8.62
C GLY A 261 -6.64 8.13 -7.86
N PHE A 262 -7.21 9.09 -8.58
CA PHE A 262 -7.61 10.35 -7.96
C PHE A 262 -8.97 10.77 -8.49
N LEU A 263 -9.91 11.10 -7.61
CA LEU A 263 -11.25 11.46 -8.07
C LEU A 263 -11.37 12.88 -8.58
N HIS A 264 -10.57 13.80 -8.03
CA HIS A 264 -10.71 15.21 -8.39
C HIS A 264 -10.53 15.42 -9.90
N ASN A 265 -9.64 14.67 -10.54
CA ASN A 265 -9.48 14.79 -12.00
C ASN A 265 -9.76 13.50 -12.75
N PHE A 266 -10.49 12.60 -12.11
CA PHE A 266 -10.86 11.31 -12.70
C PHE A 266 -9.69 10.63 -13.40
N SER A 267 -8.59 10.42 -12.67
CA SER A 267 -7.41 9.79 -13.26
C SER A 267 -6.94 8.53 -12.54
N ILE A 268 -6.08 7.77 -13.22
CA ILE A 268 -5.52 6.53 -12.72
C ILE A 268 -4.10 6.43 -13.27
N LEU A 269 -3.13 6.22 -12.38
CA LEU A 269 -1.73 6.04 -12.78
C LEU A 269 -1.28 4.61 -12.53
N LYS A 270 -0.53 4.04 -13.47
CA LYS A 270 0.05 2.72 -13.28
C LYS A 270 1.53 2.94 -13.02
N LEU A 271 2.06 2.34 -11.96
CA LEU A 271 3.39 2.69 -11.47
C LEU A 271 4.14 1.42 -11.14
N GLU A 272 5.46 1.51 -11.00
CA GLU A 272 6.25 0.36 -10.58
C GLU A 272 7.48 0.81 -9.78
N THR A 273 7.73 0.14 -8.66
CA THR A 273 8.90 0.44 -7.84
C THR A 273 9.56 -0.88 -7.46
N PRO A 274 10.89 -0.87 -7.29
CA PRO A 274 11.63 -2.06 -6.87
C PRO A 274 11.69 -2.16 -5.34
N ALA A 275 11.96 -3.36 -4.84
CA ALA A 275 12.12 -3.58 -3.40
C ALA A 275 13.30 -2.72 -2.92
N TYR A 276 13.11 -1.98 -1.83
CA TYR A 276 14.12 -1.06 -1.28
C TYR A 276 14.97 -1.76 -0.20
N GLU A 277 16.29 -1.71 -0.36
CA GLU A 277 17.19 -2.43 0.57
C GLU A 277 17.03 -2.04 2.06
N HIS A 278 16.61 -0.82 2.34
CA HIS A 278 16.44 -0.40 3.74
C HIS A 278 14.97 -0.45 4.23
N CYS A 279 14.10 -1.09 3.44
CA CYS A 279 12.68 -1.14 3.81
C CYS A 279 12.45 -1.82 5.17
N PRO A 280 11.62 -1.21 6.04
CA PRO A 280 11.46 -1.78 7.38
C PRO A 280 10.56 -3.01 7.41
N ALA A 281 9.99 -3.37 6.26
CA ALA A 281 9.18 -4.58 6.16
C ALA A 281 9.87 -5.68 5.36
N CYS A 282 10.42 -5.32 4.21
CA CYS A 282 10.90 -6.33 3.27
C CYS A 282 12.43 -6.37 3.06
N SER A 283 13.17 -5.53 3.78
CA SER A 283 14.62 -5.59 3.70
C SER A 283 15.10 -7.00 4.02
N PRO A 284 16.08 -7.50 3.27
CA PRO A 284 16.64 -8.81 3.59
C PRO A 284 17.13 -8.94 5.04
N LYS A 285 17.57 -7.84 5.67
CA LYS A 285 18.04 -7.93 7.07
C LYS A 285 16.87 -8.19 8.00
N VAL A 286 15.72 -7.62 7.67
CA VAL A 286 14.51 -7.84 8.48
C VAL A 286 14.03 -9.28 8.27
N ILE A 287 14.08 -9.74 7.03
CA ILE A 287 13.72 -11.13 6.73
C ILE A 287 14.64 -12.08 7.51
N GLU A 288 15.93 -11.79 7.47
CA GLU A 288 16.90 -12.61 8.20
C GLU A 288 16.64 -12.61 9.70
N ALA A 289 16.31 -11.45 10.26
CA ALA A 289 16.04 -11.37 11.69
C ALA A 289 14.83 -12.24 12.05
N PHE A 290 13.81 -12.25 11.19
CA PHE A 290 12.63 -13.04 11.46
C PHE A 290 12.97 -14.52 11.39
N THR A 291 13.71 -14.88 10.34
CA THR A 291 14.08 -16.27 10.10
C THR A 291 14.84 -16.85 11.29
N ASP A 292 15.67 -16.03 11.92
CA ASP A 292 16.47 -16.46 13.07
C ASP A 292 15.63 -16.66 14.34
N LEU A 293 14.83 -15.66 14.71
CA LEU A 293 14.18 -15.63 16.01
C LEU A 293 12.66 -15.65 16.04
N GLY A 294 12.02 -15.52 14.88
CA GLY A 294 10.57 -15.57 14.82
C GLY A 294 9.91 -14.58 15.76
N TRP A 295 8.99 -15.06 16.58
CA TRP A 295 8.24 -14.21 17.51
C TRP A 295 9.17 -13.46 18.47
N GLU A 296 10.31 -14.04 18.80
CA GLU A 296 11.25 -13.36 19.69
C GLU A 296 11.86 -12.12 19.03
N PHE A 297 11.92 -12.11 17.70
CA PHE A 297 12.32 -10.88 17.02
C PHE A 297 11.13 -9.93 16.89
N VAL A 298 10.01 -10.46 16.45
CA VAL A 298 8.83 -9.64 16.25
C VAL A 298 8.40 -8.85 17.48
N LYS A 299 8.42 -9.49 18.65
CA LYS A 299 8.01 -8.80 19.88
C LYS A 299 8.91 -7.59 20.16
N LYS A 300 10.18 -7.71 19.81
CA LYS A 300 11.14 -6.61 19.99
C LYS A 300 10.79 -5.44 19.04
N ALA A 301 10.55 -5.76 17.78
CA ALA A 301 10.19 -4.75 16.78
C ALA A 301 8.85 -4.08 17.09
N LEU A 302 7.87 -4.86 17.55
CA LEU A 302 6.56 -4.31 17.92
C LEU A 302 6.67 -3.18 18.95
N GLU A 303 7.49 -3.43 19.99
CA GLU A 303 7.63 -2.45 21.04
C GLU A 303 8.70 -1.40 20.75
N HIS A 304 9.58 -1.68 19.79
CA HIS A 304 10.68 -0.78 19.50
C HIS A 304 10.86 -0.57 18.00
N PRO A 305 9.97 0.23 17.39
CA PRO A 305 10.05 0.44 15.94
C PRO A 305 11.44 0.93 15.51
N LEU A 306 12.10 1.71 16.37
CA LEU A 306 13.42 2.22 16.00
C LEU A 306 14.42 1.09 15.78
N TYR A 307 14.18 -0.04 16.45
CA TYR A 307 15.00 -1.23 16.23
C TYR A 307 14.99 -1.66 14.75
N LEU A 308 13.82 -1.57 14.11
CA LEU A 308 13.75 -1.85 12.67
C LEU A 308 14.63 -0.90 11.87
N GLU A 309 14.65 0.39 12.22
CA GLU A 309 15.45 1.34 11.48
C GLU A 309 16.95 1.01 11.62
N GLU A 310 17.35 0.50 12.78
CA GLU A 310 18.74 0.07 12.99
C GLU A 310 19.05 -1.14 12.11
N ILE A 311 18.23 -2.17 12.25
CA ILE A 311 18.39 -3.41 11.49
C ILE A 311 18.42 -3.18 9.97
N SER A 312 17.51 -2.36 9.46
CA SER A 312 17.36 -2.24 8.01
C SER A 312 18.32 -1.23 7.39
N GLY A 313 18.97 -0.43 8.23
CA GLY A 313 19.94 0.52 7.76
C GLY A 313 19.41 1.92 7.56
N LEU A 314 18.14 2.14 7.88
CA LEU A 314 17.56 3.47 7.73
C LEU A 314 18.29 4.52 8.57
N SER A 315 18.71 4.13 9.76
CA SER A 315 19.44 5.02 10.65
C SER A 315 20.72 5.52 10.02
N VAL A 316 21.37 4.65 9.26
CA VAL A 316 22.63 5.02 8.60
C VAL A 316 22.45 6.14 7.58
N ILE A 317 21.48 5.97 6.67
CA ILE A 317 21.30 6.94 5.60
C ILE A 317 20.84 8.28 6.14
N LYS A 318 20.13 8.26 7.26
CA LYS A 318 19.65 9.51 7.85
C LYS A 318 20.79 10.24 8.58
N GLN A 319 21.64 9.48 9.28
CA GLN A 319 22.80 10.10 9.93
C GLN A 319 23.68 10.81 8.90
N GLU A 320 23.78 10.21 7.72
CA GLU A 320 24.58 10.78 6.64
C GLU A 320 24.06 12.17 6.25
N VAL A 321 22.75 12.35 6.21
CA VAL A 321 22.16 13.66 5.94
C VAL A 321 22.45 14.63 7.09
N GLU A 322 22.45 14.12 8.31
CA GLU A 322 22.74 14.97 9.47
C GLU A 322 24.15 15.56 9.43
N ARG A 323 25.09 14.80 8.86
CA ARG A 323 26.48 15.23 8.84
C ARG A 323 26.81 16.14 7.66
N LEU A 324 25.84 16.39 6.79
CA LEU A 324 26.05 17.27 5.63
C LEU A 324 26.52 18.67 6.01
N GLY A 325 25.85 19.27 6.97
CA GLY A 325 26.16 20.65 7.25
C GLY A 325 25.17 21.60 6.61
N ASN A 326 25.23 22.85 7.04
CA ASN A 326 24.12 23.77 6.92
C ASN A 326 23.78 24.27 5.49
N ASP A 327 23.97 23.42 4.48
CA ASP A 327 23.82 23.83 3.07
C ASP A 327 22.81 23.09 2.16
N VAL A 328 21.96 22.24 2.72
CA VAL A 328 20.82 21.73 1.94
C VAL A 328 19.64 22.66 2.22
N PHE A 329 19.98 23.82 2.75
CA PHE A 329 19.04 24.89 3.09
C PHE A 329 19.57 26.13 2.36
N GLU A 330 19.20 27.33 2.81
CA GLU A 330 19.72 28.54 2.19
C GLU A 330 21.14 28.85 2.68
N THR B 6 1.74 28.35 -7.20
CA THR B 6 2.70 27.50 -7.88
C THR B 6 3.97 28.28 -8.23
N PHE B 7 5.04 27.54 -8.54
CA PHE B 7 6.32 28.13 -8.91
C PHE B 7 6.45 28.29 -10.42
N LYS B 8 6.20 27.20 -11.15
CA LYS B 8 6.26 27.22 -12.60
C LYS B 8 5.24 28.22 -13.17
N SER B 9 4.28 28.63 -12.36
CA SER B 9 3.26 29.59 -12.80
C SER B 9 3.63 31.01 -12.39
N GLU B 10 4.90 31.24 -12.08
CA GLU B 10 5.38 32.55 -11.66
C GLU B 10 5.97 33.35 -12.82
N TYR B 11 5.68 32.92 -14.05
CA TYR B 11 6.01 33.69 -15.26
C TYR B 11 7.44 33.59 -15.80
N PRO B 12 8.35 32.86 -15.12
CA PRO B 12 9.73 33.15 -15.53
C PRO B 12 10.43 32.08 -16.37
N PHE B 13 9.81 31.54 -17.42
CA PHE B 13 10.46 30.45 -18.14
C PHE B 13 11.89 30.77 -18.61
N GLU B 14 12.02 31.80 -19.43
CA GLU B 14 13.33 32.20 -19.93
C GLU B 14 14.31 32.45 -18.77
N LYS B 15 13.78 32.99 -17.67
CA LYS B 15 14.58 33.21 -16.48
C LYS B 15 14.96 31.91 -15.79
N ARG B 16 14.07 30.92 -15.85
CA ARG B 16 14.29 29.63 -15.21
C ARG B 16 15.48 28.89 -15.83
N LYS B 17 15.51 28.83 -17.15
CA LYS B 17 16.62 28.18 -17.84
C LYS B 17 17.94 28.81 -17.44
N ALA B 18 17.89 30.12 -17.17
CA ALA B 18 19.07 30.86 -16.76
C ALA B 18 19.46 30.51 -15.32
N GLU B 19 18.49 30.61 -14.42
CA GLU B 19 18.71 30.26 -13.03
C GLU B 19 19.19 28.83 -12.90
N SER B 20 18.80 28.00 -13.86
CA SER B 20 19.22 26.60 -13.91
C SER B 20 20.64 26.47 -14.43
N GLU B 21 21.03 27.36 -15.34
CA GLU B 21 22.38 27.39 -15.88
C GLU B 21 23.35 27.96 -14.84
N ARG B 22 22.96 29.06 -14.21
CA ARG B 22 23.74 29.66 -13.13
C ARG B 22 24.14 28.60 -12.12
N ILE B 23 23.14 27.84 -11.66
CA ILE B 23 23.36 26.79 -10.68
C ILE B 23 24.31 25.73 -11.21
N ALA B 24 24.20 25.42 -12.50
CA ALA B 24 25.03 24.39 -13.12
C ALA B 24 26.52 24.75 -13.07
N ASP B 25 26.80 26.05 -12.95
CA ASP B 25 28.18 26.54 -12.94
C ASP B 25 28.62 27.00 -11.55
N ARG B 26 27.79 27.82 -10.91
CA ARG B 26 28.11 28.35 -9.60
C ARG B 26 28.24 27.24 -8.55
N PHE B 27 27.67 26.07 -8.86
CA PHE B 27 27.67 24.94 -7.93
C PHE B 27 28.01 23.61 -8.61
N LYS B 28 28.76 22.76 -7.91
CA LYS B 28 29.10 21.44 -8.43
C LYS B 28 28.50 20.31 -7.60
N ASN B 29 28.25 19.17 -8.25
CA ASN B 29 27.64 18.04 -7.57
C ASN B 29 26.31 18.46 -6.94
N ARG B 30 25.59 19.36 -7.61
CA ARG B 30 24.32 19.87 -7.11
C ARG B 30 23.19 19.73 -8.12
N ILE B 31 22.02 19.27 -7.65
CA ILE B 31 20.83 19.13 -8.48
C ILE B 31 19.84 20.23 -8.12
N PRO B 32 19.44 21.05 -9.11
CA PRO B 32 18.43 22.08 -8.85
C PRO B 32 17.04 21.46 -8.79
N VAL B 33 16.34 21.61 -7.67
CA VAL B 33 15.06 20.94 -7.48
C VAL B 33 13.96 21.88 -6.98
N ILE B 34 12.77 21.74 -7.55
CA ILE B 34 11.58 22.40 -7.03
C ILE B 34 10.68 21.34 -6.40
N CYS B 35 10.37 21.53 -5.12
CA CYS B 35 9.61 20.53 -4.38
C CYS B 35 8.39 21.17 -3.76
N GLU B 36 7.20 20.71 -4.14
CA GLU B 36 5.97 21.33 -3.69
C GLU B 36 4.93 20.30 -3.25
N LYS B 37 3.98 20.74 -2.45
CA LYS B 37 2.89 19.88 -2.01
C LYS B 37 1.95 19.57 -3.17
N ALA B 38 1.54 18.31 -3.28
CA ALA B 38 0.63 17.90 -4.33
C ALA B 38 -0.77 18.46 -4.05
N GLU B 39 -1.46 18.89 -5.10
CA GLU B 39 -2.79 19.45 -4.94
C GLU B 39 -3.75 18.41 -4.36
N LYS B 40 -4.62 18.86 -3.45
CA LYS B 40 -5.65 18.01 -2.85
C LYS B 40 -5.12 16.98 -1.82
N SER B 41 -3.81 16.80 -1.76
CA SER B 41 -3.21 15.90 -0.78
C SER B 41 -3.24 16.49 0.62
N ASP B 42 -3.62 15.65 1.58
CA ASP B 42 -3.63 16.06 2.99
C ASP B 42 -2.23 15.87 3.58
N ILE B 43 -1.52 16.99 3.74
CA ILE B 43 -0.13 16.97 4.20
C ILE B 43 0.28 18.43 4.43
N PRO B 44 1.06 18.69 5.49
CA PRO B 44 1.50 20.06 5.79
C PRO B 44 2.24 20.73 4.63
N GLU B 45 1.97 22.02 4.44
CA GLU B 45 2.59 22.81 3.39
C GLU B 45 4.09 22.96 3.62
N ILE B 46 4.79 23.43 2.60
CA ILE B 46 6.22 23.71 2.69
C ILE B 46 6.48 24.97 1.85
N ASP B 47 6.72 26.11 2.51
CA ASP B 47 6.86 27.34 1.73
C ASP B 47 8.18 27.37 0.94
N LYS B 48 9.26 26.91 1.57
CA LYS B 48 10.55 26.78 0.91
C LYS B 48 10.49 25.62 -0.08
N ARG B 49 10.50 25.95 -1.38
CA ARG B 49 10.27 24.94 -2.42
C ARG B 49 11.51 24.63 -3.27
N LYS B 50 12.53 25.48 -3.20
CA LYS B 50 13.70 25.29 -4.05
C LYS B 50 14.90 24.71 -3.29
N TYR B 51 15.68 23.87 -3.96
CA TYR B 51 16.77 23.16 -3.30
C TYR B 51 17.92 22.87 -4.24
N LEU B 52 19.14 23.03 -3.73
CA LEU B 52 20.31 22.54 -4.44
C LEU B 52 20.74 21.27 -3.71
N VAL B 53 20.50 20.14 -4.35
CA VAL B 53 20.65 18.85 -3.70
C VAL B 53 21.91 18.13 -4.17
N PRO B 54 22.78 17.77 -3.23
CA PRO B 54 23.96 16.97 -3.58
C PRO B 54 23.56 15.81 -4.48
N ALA B 55 24.24 15.69 -5.60
CA ALA B 55 23.87 14.74 -6.64
C ALA B 55 24.02 13.29 -6.21
N ASP B 56 24.82 13.06 -5.17
CA ASP B 56 25.10 11.71 -4.70
C ASP B 56 24.11 11.23 -3.63
N LEU B 57 23.21 12.11 -3.20
CA LEU B 57 22.18 11.72 -2.26
C LEU B 57 21.17 10.78 -2.95
N THR B 58 20.60 9.85 -2.21
CA THR B 58 19.53 9.00 -2.74
C THR B 58 18.19 9.69 -2.58
N VAL B 59 17.18 9.15 -3.26
CA VAL B 59 15.84 9.69 -3.19
C VAL B 59 15.36 9.65 -1.74
N GLY B 60 15.66 8.55 -1.05
CA GLY B 60 15.25 8.39 0.33
C GLY B 60 15.88 9.42 1.24
N GLN B 61 17.13 9.76 0.98
CA GLN B 61 17.76 10.83 1.77
C GLN B 61 17.09 12.18 1.53
N PHE B 62 16.70 12.44 0.28
CA PHE B 62 15.98 13.67 -0.02
C PHE B 62 14.59 13.67 0.63
N VAL B 63 13.92 12.53 0.62
CA VAL B 63 12.63 12.42 1.30
C VAL B 63 12.80 12.79 2.78
N TYR B 64 13.86 12.29 3.39
CA TYR B 64 14.20 12.65 4.78
C TYR B 64 14.33 14.17 4.95
N VAL B 65 15.04 14.82 4.04
CA VAL B 65 15.16 16.28 4.06
C VAL B 65 13.78 16.97 4.04
N ILE B 66 12.90 16.51 3.15
CA ILE B 66 11.55 17.07 3.06
C ILE B 66 10.81 16.87 4.37
N ARG B 67 10.82 15.64 4.86
CA ARG B 67 10.13 15.31 6.12
C ARG B 67 10.50 16.28 7.24
N LYS B 68 11.79 16.53 7.40
CA LYS B 68 12.27 17.47 8.41
C LYS B 68 11.80 18.89 8.12
N ARG B 69 11.82 19.28 6.86
CA ARG B 69 11.48 20.65 6.48
C ARG B 69 10.03 20.97 6.82
N ILE B 70 9.13 20.03 6.59
CA ILE B 70 7.73 20.26 6.89
C ILE B 70 7.41 19.81 8.31
N MET B 71 8.43 19.35 9.03
CA MET B 71 8.25 18.94 10.41
C MET B 71 7.17 17.87 10.55
N LEU B 72 7.23 16.88 9.68
CA LEU B 72 6.28 15.77 9.71
C LEU B 72 6.66 14.86 10.87
N PRO B 73 5.67 14.39 11.65
CA PRO B 73 5.98 13.42 12.70
C PRO B 73 6.32 12.05 12.13
N PRO B 74 7.09 11.24 12.89
CA PRO B 74 7.60 9.94 12.44
C PRO B 74 6.50 8.95 12.06
N GLU B 75 5.30 9.09 12.65
CA GLU B 75 4.24 8.10 12.48
C GLU B 75 3.49 8.25 11.17
N LYS B 76 3.76 9.33 10.44
CA LYS B 76 3.09 9.63 9.17
C LYS B 76 4.06 9.53 8.01
N ALA B 77 3.63 8.87 6.93
CA ALA B 77 4.47 8.66 5.76
C ALA B 77 4.00 9.50 4.58
N ILE B 78 4.90 9.71 3.64
CA ILE B 78 4.57 10.39 2.39
C ILE B 78 5.11 9.57 1.26
N PHE B 79 4.78 9.96 0.02
CA PHE B 79 5.47 9.45 -1.16
C PHE B 79 5.69 10.64 -2.08
N ILE B 80 6.64 10.53 -2.98
CA ILE B 80 6.90 11.62 -3.92
C ILE B 80 6.61 11.19 -5.37
N PHE B 81 6.19 12.15 -6.18
CA PHE B 81 6.01 11.96 -7.61
C PHE B 81 7.04 12.80 -8.36
N VAL B 82 7.64 12.19 -9.38
CA VAL B 82 8.42 12.92 -10.37
C VAL B 82 7.82 12.59 -11.75
N ASN B 83 7.25 13.59 -12.41
CA ASN B 83 6.54 13.37 -13.67
C ASN B 83 5.51 12.24 -13.59
N ASP B 84 4.64 12.31 -12.58
CA ASP B 84 3.65 11.28 -12.33
C ASP B 84 4.25 9.87 -12.27
N THR B 85 5.50 9.78 -11.82
CA THR B 85 6.08 8.48 -11.47
C THR B 85 6.62 8.51 -10.05
N LEU B 86 6.70 7.34 -9.43
CA LEU B 86 7.23 7.23 -8.07
C LEU B 86 8.61 6.61 -8.20
N PRO B 87 9.65 7.43 -7.97
CA PRO B 87 11.02 6.97 -8.23
C PRO B 87 11.48 5.98 -7.18
N PRO B 88 12.47 5.14 -7.53
CA PRO B 88 12.99 4.15 -6.56
C PRO B 88 13.65 4.88 -5.42
N THR B 89 13.42 4.40 -4.20
CA THR B 89 13.92 5.10 -3.00
C THR B 89 15.44 5.05 -2.95
N ALA B 90 16.04 4.04 -3.59
CA ALA B 90 17.49 3.89 -3.59
C ALA B 90 18.20 4.67 -4.71
N ALA B 91 17.43 5.27 -5.62
CA ALA B 91 18.04 5.90 -6.78
C ALA B 91 18.81 7.16 -6.38
N LEU B 92 19.93 7.41 -7.06
CA LEU B 92 20.68 8.65 -6.89
C LEU B 92 19.92 9.82 -7.50
N MET B 93 19.91 10.96 -6.83
CA MET B 93 19.23 12.13 -7.36
C MET B 93 19.81 12.53 -8.72
N SER B 94 21.08 12.19 -8.95
CA SER B 94 21.72 12.48 -10.23
C SER B 94 21.02 11.73 -11.37
N ALA B 95 20.79 10.43 -11.17
CA ALA B 95 20.14 9.58 -12.16
C ALA B 95 18.69 10.01 -12.39
N ILE B 96 18.00 10.34 -11.31
CA ILE B 96 16.66 10.90 -11.42
C ILE B 96 16.66 12.20 -12.23
N TYR B 97 17.63 13.07 -11.95
CA TYR B 97 17.72 14.34 -12.66
C TYR B 97 17.93 14.11 -14.16
N GLN B 98 18.82 13.17 -14.50
CA GLN B 98 19.09 12.85 -15.89
C GLN B 98 17.83 12.42 -16.63
N GLU B 99 17.06 11.55 -15.98
CA GLU B 99 15.89 10.95 -16.61
C GLU B 99 14.71 11.92 -16.69
N HIS B 100 14.50 12.73 -15.65
CA HIS B 100 13.25 13.48 -15.52
C HIS B 100 13.38 14.99 -15.55
N LYS B 101 14.60 15.50 -15.71
CA LYS B 101 14.78 16.94 -15.68
C LYS B 101 13.86 17.66 -16.66
N ASP B 102 13.34 18.81 -16.24
CA ASP B 102 12.44 19.61 -17.07
C ASP B 102 13.18 20.39 -18.15
N LYS B 103 12.44 20.83 -19.17
CA LYS B 103 12.97 21.69 -20.22
C LYS B 103 13.80 22.84 -19.63
N ASP B 104 13.32 23.41 -18.54
CA ASP B 104 13.94 24.58 -17.93
C ASP B 104 15.11 24.27 -16.99
N GLY B 105 15.53 23.01 -16.94
CA GLY B 105 16.71 22.64 -16.17
C GLY B 105 16.48 22.20 -14.72
N PHE B 106 15.32 22.53 -14.16
CA PHE B 106 14.98 22.10 -12.80
C PHE B 106 14.32 20.72 -12.77
N LEU B 107 14.50 20.00 -11.66
CA LEU B 107 13.77 18.75 -11.44
C LEU B 107 12.56 19.05 -10.56
N TYR B 108 11.37 18.74 -11.07
CA TYR B 108 10.14 19.01 -10.33
C TYR B 108 9.65 17.77 -9.57
N VAL B 109 9.39 17.95 -8.30
CA VAL B 109 8.94 16.89 -7.42
C VAL B 109 7.70 17.38 -6.66
N THR B 110 6.75 16.49 -6.42
CA THR B 110 5.68 16.79 -5.45
C THR B 110 5.66 15.70 -4.38
N TYR B 111 5.14 16.05 -3.21
CA TYR B 111 5.04 15.09 -2.11
C TYR B 111 3.58 15.05 -1.64
N SER B 112 3.14 13.88 -1.17
CA SER B 112 1.76 13.70 -0.71
C SER B 112 1.70 12.76 0.49
N GLY B 113 0.74 12.96 1.37
CA GLY B 113 0.49 11.99 2.43
C GLY B 113 0.12 10.61 1.89
N GLU B 114 0.70 9.55 2.47
CA GLU B 114 0.40 8.19 2.04
C GLU B 114 -1.00 7.79 2.51
N ASN B 115 -1.69 6.97 1.71
CA ASN B 115 -3.02 6.52 2.08
C ASN B 115 -2.94 5.42 3.11
N THR B 116 -3.83 5.46 4.10
CA THR B 116 -3.85 4.44 5.17
C THR B 116 -5.24 3.87 5.53
N PHE B 117 -6.31 4.43 4.98
CA PHE B 117 -7.65 4.05 5.45
C PHE B 117 -8.16 2.78 4.77
N GLY B 118 -9.15 2.13 5.38
CA GLY B 118 -9.70 0.91 4.79
C GLY B 118 -11.20 0.78 4.99
ZN ZN C . 9.35 -3.01 1.22
#